data_5Z9W
#
_entry.id   5Z9W
#
_cell.length_a   1
_cell.length_b   1
_cell.length_c   1
_cell.angle_alpha   90.00
_cell.angle_beta   90.00
_cell.angle_gamma   90.00
#
_symmetry.space_group_name_H-M   'P 1'
#
loop_
_entity.id
_entity.type
_entity.pdbx_description
1 polymer 'Ebolavirus nucleoprotein (residues 19-406)'
2 polymer 'RNA (6-MER)'
#
loop_
_entity_poly.entity_id
_entity_poly.type
_entity_poly.pdbx_seq_one_letter_code
_entity_poly.pdbx_strand_id
1 'polypeptide(L)'
;MDYHKILTAGLSVQQGIVRQRVIPVYQVNNLEEICQLIIQAFEAGVDFQESADSFLLMLCLHHAYQGDYKLFLESGAVKY
LEGHGFRFEVKKRDGVKRLEELLPAVSSGKNIKRTLAAMPEEETTEANAGQFLSFASLFLPKLVVGEKACLEKVQRQIQV
HAEQGLIQYPTAWQSVGHMMVIFRLMRTNFLIKFLLIHQGMHMVAGHDANDAVISNSVAQARFSGLLIVKTVLDHILQKT
ERGVRLHPLARTAKVKNEVNSFKAALSSLAKHGEYAPFARLLNLSGVNNLEHGLFPQLSAIALGVATAHGSTLAGVNVGE
QYQQLREAATEAEKQLQQYAESRELDHLGLDDQEKKILMNFHQKKNEISFQQTNAMVTLRKERLAKLT
;
A
2 'polyribonucleotide' UUUUUU R
#
# COMPACT_ATOMS: atom_id res chain seq x y z
N MET A 1 -43.15 -7.62 4.59
CA MET A 1 -41.92 -6.97 4.98
C MET A 1 -40.70 -7.74 4.50
N ASP A 2 -39.52 -7.25 4.84
CA ASP A 2 -38.27 -7.89 4.47
C ASP A 2 -37.70 -8.68 5.65
N TYR A 3 -37.01 -9.78 5.32
CA TYR A 3 -36.39 -10.63 6.31
C TYR A 3 -34.88 -10.69 6.19
N HIS A 4 -34.31 -10.32 5.05
CA HIS A 4 -32.88 -10.45 4.81
C HIS A 4 -32.08 -9.26 5.29
N LYS A 5 -32.76 -8.31 5.94
CA LYS A 5 -32.15 -7.06 6.48
C LYS A 5 -31.14 -7.37 7.61
N ILE A 6 -31.43 -8.39 8.41
CA ILE A 6 -30.59 -8.76 9.60
C ILE A 6 -29.17 -9.12 9.20
N LEU A 7 -28.99 -9.80 8.06
CA LEU A 7 -27.63 -10.25 7.63
C LEU A 7 -26.71 -9.04 7.42
N THR A 8 -27.19 -8.00 6.71
CA THR A 8 -26.36 -6.81 6.37
C THR A 8 -26.75 -5.58 7.20
N ALA A 9 -27.52 -5.76 8.27
CA ALA A 9 -28.00 -4.62 9.09
C ALA A 9 -26.85 -3.82 9.73
N GLY A 10 -25.82 -4.49 10.25
CA GLY A 10 -24.72 -3.79 10.96
C GLY A 10 -23.57 -3.33 10.08
N LEU A 11 -23.55 -3.67 8.79
CA LEU A 11 -22.42 -3.28 7.90
C LEU A 11 -22.31 -1.76 7.76
N SER A 12 -23.45 -1.07 7.62
CA SER A 12 -23.51 0.38 7.41
C SER A 12 -23.97 1.05 8.70
N VAL A 13 -23.06 1.74 9.37
CA VAL A 13 -23.37 2.45 10.60
C VAL A 13 -23.24 3.94 10.37
N GLN A 14 -23.55 4.73 11.40
CA GLN A 14 -23.39 6.18 11.31
C GLN A 14 -21.94 6.55 11.63
N GLN A 15 -21.66 7.84 11.78
CA GLN A 15 -20.31 8.33 11.99
C GLN A 15 -20.27 9.16 13.26
N GLY A 16 -19.47 8.73 14.23
CA GLY A 16 -19.31 9.45 15.46
C GLY A 16 -17.86 9.61 15.86
N ILE A 17 -17.61 10.06 17.09
CA ILE A 17 -16.26 10.26 17.59
C ILE A 17 -16.06 9.33 18.79
N VAL A 18 -15.13 8.40 18.65
CA VAL A 18 -14.90 7.38 19.66
C VAL A 18 -13.52 7.47 20.30
N ARG A 19 -12.55 8.14 19.67
CA ARG A 19 -11.18 8.08 20.18
C ARG A 19 -10.83 9.19 21.14
N GLN A 20 -10.88 10.45 20.68
CA GLN A 20 -10.47 11.65 21.42
C GLN A 20 -9.02 11.52 21.91
N ARG A 21 -8.11 11.55 20.94
CA ARG A 21 -6.68 11.48 21.21
C ARG A 21 -6.06 12.84 20.96
N VAL A 22 -5.22 13.29 21.90
CA VAL A 22 -4.67 14.64 21.92
C VAL A 22 -3.17 14.57 21.64
N ILE A 23 -2.70 15.35 20.68
CA ILE A 23 -1.32 15.35 20.25
C ILE A 23 -0.74 16.73 20.50
N PRO A 24 0.40 16.85 21.17
CA PRO A 24 1.06 18.14 21.34
C PRO A 24 1.98 18.49 20.19
N VAL A 25 2.10 19.79 19.92
CA VAL A 25 2.97 20.33 18.90
C VAL A 25 3.90 21.33 19.58
N TYR A 26 5.20 21.04 19.56
CA TYR A 26 6.18 21.87 20.22
C TYR A 26 6.63 22.99 19.30
N GLN A 27 6.64 24.21 19.82
CA GLN A 27 7.09 25.39 19.07
C GLN A 27 8.40 25.87 19.69
N VAL A 28 9.52 25.48 19.08
CA VAL A 28 10.84 25.77 19.60
C VAL A 28 11.51 26.77 18.66
N ASN A 29 12.43 27.56 19.19
CA ASN A 29 13.20 28.53 18.43
C ASN A 29 14.06 27.83 17.37
N ASN A 30 15.01 27.02 17.81
CA ASN A 30 15.81 26.23 16.88
C ASN A 30 15.06 24.95 16.51
N LEU A 31 15.24 24.53 15.28
CA LEU A 31 14.52 23.35 14.83
C LEU A 31 15.41 22.33 14.16
N GLU A 32 16.41 22.77 13.40
CA GLU A 32 17.25 21.85 12.64
C GLU A 32 18.15 21.03 13.55
N GLU A 33 18.62 21.62 14.65
CA GLU A 33 19.42 20.88 15.62
C GLU A 33 18.59 19.77 16.27
N ILE A 34 17.32 20.07 16.56
CA ILE A 34 16.44 19.06 17.15
C ILE A 34 16.13 17.96 16.15
N CYS A 35 15.98 18.32 14.87
CA CYS A 35 15.76 17.30 13.85
C CYS A 35 16.98 16.41 13.67
N GLN A 36 18.18 16.99 13.76
CA GLN A 36 19.39 16.18 13.72
C GLN A 36 19.50 15.27 14.93
N LEU A 37 19.06 15.76 16.11
CA LEU A 37 19.05 14.91 17.30
C LEU A 37 18.06 13.76 17.16
N ILE A 38 16.91 14.01 16.55
CA ILE A 38 15.91 12.96 16.37
C ILE A 38 16.39 11.90 15.38
N ILE A 39 17.02 12.34 14.28
CA ILE A 39 17.54 11.39 13.30
C ILE A 39 18.70 10.60 13.89
N GLN A 40 19.55 11.24 14.69
CA GLN A 40 20.62 10.53 15.37
C GLN A 40 20.07 9.55 16.41
N ALA A 41 18.94 9.88 17.03
CA ALA A 41 18.34 8.98 18.02
C ALA A 41 17.75 7.75 17.35
N PHE A 42 17.13 7.92 16.17
CA PHE A 42 16.64 6.74 15.47
C PHE A 42 17.77 5.92 14.86
N GLU A 43 18.88 6.57 14.50
CA GLU A 43 20.05 5.80 14.07
C GLU A 43 20.71 5.08 15.23
N ALA A 44 20.51 5.56 16.46
CA ALA A 44 21.06 4.87 17.62
C ALA A 44 20.37 3.53 17.87
N GLY A 45 19.12 3.39 17.42
CA GLY A 45 18.41 2.14 17.55
C GLY A 45 17.42 2.05 18.69
N VAL A 46 16.98 3.18 19.23
CA VAL A 46 16.02 3.19 20.31
C VAL A 46 14.64 3.47 19.74
N ASP A 47 13.61 3.23 20.54
CA ASP A 47 12.23 3.47 20.13
C ASP A 47 11.55 4.39 21.14
N PHE A 48 10.48 5.03 20.68
CA PHE A 48 9.62 5.82 21.54
C PHE A 48 8.29 5.10 21.64
N GLN A 49 7.87 4.80 22.88
CA GLN A 49 6.72 3.94 23.08
C GLN A 49 5.42 4.67 22.72
N GLU A 50 5.31 5.94 23.11
CA GLU A 50 4.10 6.70 22.81
C GLU A 50 4.47 8.04 22.20
N SER A 51 5.63 8.56 22.55
CA SER A 51 6.02 9.91 22.19
C SER A 51 6.66 10.00 20.80
N ALA A 52 6.61 8.94 20.01
CA ALA A 52 7.12 9.00 18.65
C ALA A 52 6.25 9.86 17.75
N ASP A 53 4.98 10.03 18.12
CA ASP A 53 4.00 10.68 17.25
C ASP A 53 4.31 12.16 17.10
N SER A 54 4.55 12.85 18.21
CA SER A 54 4.89 14.27 18.17
C SER A 54 6.23 14.51 17.48
N PHE A 55 7.17 13.59 17.64
CA PHE A 55 8.48 13.74 17.01
C PHE A 55 8.38 13.62 15.49
N LEU A 56 7.65 12.62 15.00
CA LEU A 56 7.46 12.49 13.57
C LEU A 56 6.62 13.62 13.00
N LEU A 57 5.66 14.14 13.77
CA LEU A 57 4.87 15.27 13.32
C LEU A 57 5.72 16.52 13.17
N MET A 58 6.61 16.78 14.14
CA MET A 58 7.48 17.94 14.06
C MET A 58 8.52 17.80 12.95
N LEU A 59 8.97 16.57 12.68
CA LEU A 59 9.90 16.35 11.57
C LEU A 59 9.25 16.59 10.23
N CYS A 60 8.02 16.09 10.04
CA CYS A 60 7.28 16.35 8.81
C CYS A 60 6.92 17.82 8.68
N LEU A 61 6.71 18.51 9.80
CA LEU A 61 6.47 19.95 9.77
C LEU A 61 7.69 20.71 9.29
N HIS A 62 8.88 20.30 9.75
CA HIS A 62 10.11 20.95 9.28
C HIS A 62 10.36 20.69 7.81
N HIS A 63 10.03 19.48 7.34
CA HIS A 63 10.26 19.18 5.93
C HIS A 63 9.28 19.92 5.01
N ALA A 64 8.01 19.95 5.37
CA ALA A 64 7.02 20.53 4.47
C ALA A 64 7.03 22.05 4.52
N TYR A 65 6.73 22.63 5.69
CA TYR A 65 6.44 24.05 5.80
C TYR A 65 7.60 24.88 6.31
N GLN A 66 8.70 24.24 6.72
CA GLN A 66 9.91 24.90 7.24
C GLN A 66 9.62 25.77 8.47
N GLY A 67 8.66 25.35 9.29
CA GLY A 67 8.37 26.08 10.51
C GLY A 67 7.27 27.12 10.36
N ASP A 68 6.10 26.71 9.88
CA ASP A 68 4.94 27.59 9.72
C ASP A 68 3.77 26.93 10.43
N TYR A 69 3.56 27.28 11.70
CA TYR A 69 2.54 26.63 12.52
C TYR A 69 1.15 27.08 12.11
N LYS A 70 0.99 28.37 11.82
CA LYS A 70 -0.32 28.95 11.55
C LYS A 70 -0.91 28.41 10.25
N LEU A 71 -0.05 28.13 9.26
CA LEU A 71 -0.54 27.55 8.03
C LEU A 71 -0.66 26.03 8.12
N PHE A 72 0.09 25.41 9.03
CA PHE A 72 0.00 23.96 9.19
C PHE A 72 -1.30 23.56 9.87
N LEU A 73 -1.69 24.30 10.92
CA LEU A 73 -2.92 23.96 11.63
C LEU A 73 -4.18 24.41 10.90
N GLU A 74 -4.06 24.98 9.71
CA GLU A 74 -5.21 25.32 8.88
C GLU A 74 -5.15 24.60 7.55
N SER A 75 -4.46 23.46 7.51
CA SER A 75 -4.26 22.70 6.29
C SER A 75 -5.49 21.85 5.99
N GLY A 76 -5.36 20.95 5.02
CA GLY A 76 -6.45 20.07 4.66
C GLY A 76 -6.38 18.74 5.39
N ALA A 77 -5.17 18.25 5.61
CA ALA A 77 -4.99 16.97 6.31
C ALA A 77 -5.37 17.11 7.78
N VAL A 78 -4.96 18.21 8.42
CA VAL A 78 -5.31 18.44 9.81
C VAL A 78 -6.79 18.70 9.96
N LYS A 79 -7.42 19.32 8.96
CA LYS A 79 -8.86 19.47 8.95
C LYS A 79 -9.57 18.13 8.79
N TYR A 80 -8.95 17.20 8.04
CA TYR A 80 -9.53 15.87 7.90
C TYR A 80 -9.42 15.07 9.19
N LEU A 81 -8.28 15.18 9.88
CA LEU A 81 -8.05 14.37 11.07
C LEU A 81 -8.86 14.82 12.27
N GLU A 82 -9.34 16.06 12.28
CA GLU A 82 -10.18 16.50 13.39
C GLU A 82 -11.60 15.98 13.29
N GLY A 83 -11.98 15.40 12.17
CA GLY A 83 -13.25 14.71 12.04
C GLY A 83 -13.20 13.26 12.50
N HIS A 84 -12.11 12.83 13.12
CA HIS A 84 -11.99 11.45 13.56
C HIS A 84 -11.40 11.34 14.96
N GLY A 85 -11.40 12.42 15.73
CA GLY A 85 -11.01 12.37 17.13
C GLY A 85 -9.65 12.94 17.45
N PHE A 86 -8.83 13.24 16.45
CA PHE A 86 -7.53 13.83 16.73
C PHE A 86 -7.68 15.29 17.11
N ARG A 87 -6.97 15.69 18.17
CA ARG A 87 -7.00 17.07 18.65
C ARG A 87 -5.56 17.53 18.83
N PHE A 88 -5.14 18.49 18.01
CA PHE A 88 -3.78 19.01 18.07
C PHE A 88 -3.75 20.25 18.94
N GLU A 89 -2.97 20.19 20.02
CA GLU A 89 -2.73 21.38 20.82
C GLU A 89 -1.30 21.84 20.61
N VAL A 90 -1.04 23.10 20.95
CA VAL A 90 0.27 23.70 20.71
C VAL A 90 0.87 24.11 22.05
N LYS A 91 2.12 23.75 22.27
CA LYS A 91 2.87 24.13 23.45
C LYS A 91 4.16 24.82 23.01
N LYS A 92 4.68 25.68 23.89
CA LYS A 92 5.90 26.40 23.60
C LYS A 92 6.99 25.98 24.58
N ARG A 93 8.23 26.21 24.17
CA ARG A 93 9.38 25.76 24.93
C ARG A 93 10.56 26.63 24.55
N ASP A 94 11.41 26.94 25.52
CA ASP A 94 12.56 27.80 25.31
C ASP A 94 13.70 27.00 24.68
N GLY A 95 14.89 27.60 24.64
CA GLY A 95 16.05 26.97 24.05
C GLY A 95 16.51 25.74 24.81
N VAL A 96 16.26 24.57 24.24
CA VAL A 96 16.63 23.30 24.85
C VAL A 96 17.66 22.62 23.97
N LYS A 97 18.35 21.65 24.56
CA LYS A 97 19.37 20.90 23.84
C LYS A 97 19.21 19.39 23.98
N ARG A 98 18.29 18.91 24.82
CA ARG A 98 18.18 17.48 25.10
C ARG A 98 16.73 17.04 25.02
N LEU A 99 16.54 15.84 24.46
CA LEU A 99 15.20 15.29 24.30
C LEU A 99 14.58 14.93 25.64
N GLU A 100 15.39 14.70 26.68
CA GLU A 100 14.86 14.55 28.03
C GLU A 100 14.22 15.84 28.50
N GLU A 101 14.85 16.97 28.20
CA GLU A 101 14.26 18.26 28.51
C GLU A 101 13.00 18.51 27.69
N LEU A 102 12.97 18.01 26.45
CA LEU A 102 11.76 18.18 25.66
C LEU A 102 10.67 17.18 26.04
N LEU A 103 11.03 16.08 26.69
CA LEU A 103 10.07 15.03 27.02
C LEU A 103 9.14 15.51 28.14
N PRO A 104 7.86 15.13 28.11
CA PRO A 104 6.92 15.60 29.14
C PRO A 104 6.99 14.88 30.47
N ALA A 105 8.02 14.05 30.70
CA ALA A 105 8.32 13.40 31.99
C ALA A 105 7.17 12.52 32.49
N VAL A 106 6.90 11.47 31.73
CA VAL A 106 5.90 10.48 32.08
C VAL A 106 6.62 9.28 32.68
N SER A 107 6.06 8.71 33.75
CA SER A 107 6.69 7.60 34.47
C SER A 107 6.78 6.33 33.62
N SER A 108 5.95 6.20 32.59
CA SER A 108 6.09 5.07 31.66
C SER A 108 7.33 5.23 30.79
N GLY A 109 7.79 6.47 30.59
CA GLY A 109 8.97 6.72 29.79
C GLY A 109 10.25 6.73 30.59
N LYS A 110 10.27 6.00 31.70
CA LYS A 110 11.50 5.88 32.49
C LYS A 110 12.56 5.10 31.72
N ASN A 111 12.16 4.04 31.01
CA ASN A 111 13.09 3.33 30.16
C ASN A 111 13.55 4.19 28.98
N ILE A 112 12.67 5.07 28.49
CA ILE A 112 13.05 5.99 27.43
C ILE A 112 14.11 6.97 27.92
N LYS A 113 13.92 7.50 29.14
CA LYS A 113 14.91 8.38 29.73
C LYS A 113 16.22 7.65 30.01
N ARG A 114 16.13 6.37 30.39
CA ARG A 114 17.33 5.58 30.65
C ARG A 114 18.11 5.32 29.37
N THR A 115 17.42 5.03 28.27
CA THR A 115 18.10 4.78 27.00
C THR A 115 18.65 6.06 26.40
N LEU A 116 17.90 7.17 26.48
CA LEU A 116 18.38 8.42 25.92
C LEU A 116 19.48 9.05 26.76
N ALA A 117 19.48 8.77 28.07
CA ALA A 117 20.57 9.27 28.92
C ALA A 117 21.88 8.55 28.61
N ALA A 118 21.82 7.29 28.21
CA ALA A 118 22.99 6.55 27.80
C ALA A 118 23.43 6.88 26.38
N MET A 119 22.60 7.59 25.63
CA MET A 119 22.95 7.96 24.26
C MET A 119 23.98 9.08 24.29
N PRO A 120 25.14 8.91 23.64
CA PRO A 120 26.17 9.97 23.67
C PRO A 120 25.76 11.16 22.80
N GLU A 121 25.78 12.34 23.39
CA GLU A 121 25.27 13.56 22.78
C GLU A 121 26.36 14.37 22.10
N GLU A 122 27.36 13.70 21.53
CA GLU A 122 28.52 14.36 20.95
C GLU A 122 28.69 14.12 19.47
N GLU A 123 28.32 12.95 18.97
CA GLU A 123 28.54 12.62 17.57
C GLU A 123 27.54 13.34 16.68
N THR A 124 27.97 13.64 15.45
CA THR A 124 27.14 14.28 14.45
C THR A 124 27.16 13.46 13.17
N THR A 125 26.02 13.43 12.49
CA THR A 125 25.87 12.73 11.23
C THR A 125 25.55 13.73 10.12
N GLU A 126 25.30 13.22 8.93
CA GLU A 126 24.99 14.05 7.76
C GLU A 126 23.73 13.52 7.10
N ALA A 127 22.59 14.12 7.42
CA ALA A 127 21.30 13.79 6.81
C ALA A 127 20.38 14.97 7.04
N ASN A 128 19.13 14.82 6.63
CA ASN A 128 18.11 15.83 6.84
C ASN A 128 16.75 15.14 6.85
N ALA A 129 15.67 15.94 6.85
CA ALA A 129 14.34 15.37 6.94
C ALA A 129 13.92 14.71 5.63
N GLY A 130 14.38 15.24 4.50
CA GLY A 130 13.93 14.72 3.21
C GLY A 130 14.45 13.32 2.91
N GLN A 131 15.72 13.06 3.23
CA GLN A 131 16.28 11.73 3.04
C GLN A 131 15.62 10.71 3.95
N PHE A 132 15.32 11.11 5.19
CA PHE A 132 14.67 10.21 6.12
C PHE A 132 13.24 9.89 5.70
N LEU A 133 12.51 10.90 5.23
CA LEU A 133 11.15 10.65 4.78
C LEU A 133 11.10 9.85 3.49
N SER A 134 12.06 10.04 2.59
CA SER A 134 12.09 9.22 1.37
C SER A 134 12.47 7.78 1.68
N PHE A 135 13.46 7.58 2.55
CA PHE A 135 13.88 6.23 2.90
C PHE A 135 12.81 5.51 3.73
N ALA A 136 11.99 6.26 4.45
CA ALA A 136 10.84 5.65 5.10
C ALA A 136 9.70 5.39 4.11
N SER A 137 9.56 6.25 3.10
CA SER A 137 8.47 6.09 2.14
C SER A 137 8.72 4.96 1.16
N LEU A 138 9.97 4.49 1.04
CA LEU A 138 10.25 3.36 0.16
C LEU A 138 9.58 2.06 0.61
N PHE A 139 9.19 1.95 1.87
CA PHE A 139 8.61 0.71 2.39
C PHE A 139 7.13 0.55 2.07
N LEU A 140 6.48 1.55 1.49
CA LEU A 140 5.02 1.51 1.32
C LEU A 140 4.49 0.47 0.31
N PRO A 141 5.14 0.18 -0.82
CA PRO A 141 4.70 -1.00 -1.58
C PRO A 141 5.08 -2.28 -0.86
N LYS A 142 4.18 -3.27 -0.96
CA LYS A 142 4.35 -4.62 -0.41
C LYS A 142 4.58 -4.61 1.11
N LEU A 143 3.98 -3.66 1.82
CA LEU A 143 4.16 -3.60 3.26
C LEU A 143 3.26 -4.59 3.99
N VAL A 144 2.15 -4.99 3.36
CA VAL A 144 1.21 -5.90 3.99
C VAL A 144 1.75 -7.33 3.98
N VAL A 145 2.66 -7.64 3.06
CA VAL A 145 3.08 -9.02 2.82
C VAL A 145 3.92 -9.54 3.97
N GLY A 146 5.04 -8.91 4.26
CA GLY A 146 5.91 -9.39 5.31
C GLY A 146 7.26 -8.70 5.24
N GLU A 147 8.19 -9.24 6.03
CA GLU A 147 9.50 -8.60 6.16
C GLU A 147 10.36 -8.84 4.92
N LYS A 148 10.36 -10.07 4.41
CA LYS A 148 11.31 -10.45 3.36
C LYS A 148 10.97 -9.75 2.04
N ALA A 149 9.68 -9.63 1.73
CA ALA A 149 9.28 -8.93 0.50
C ALA A 149 9.59 -7.45 0.59
N CYS A 150 9.42 -6.85 1.77
CA CYS A 150 9.80 -5.45 1.98
C CYS A 150 11.28 -5.23 1.78
N LEU A 151 12.11 -6.10 2.37
CA LEU A 151 13.56 -5.91 2.27
C LEU A 151 14.05 -6.13 0.83
N GLU A 152 13.48 -7.12 0.14
CA GLU A 152 13.88 -7.37 -1.24
C GLU A 152 13.46 -6.22 -2.15
N LYS A 153 12.24 -5.69 -1.95
CA LYS A 153 11.78 -4.58 -2.77
C LYS A 153 12.58 -3.31 -2.52
N VAL A 154 12.94 -3.04 -1.27
CA VAL A 154 13.67 -1.80 -1.02
C VAL A 154 15.14 -1.93 -1.44
N GLN A 155 15.72 -3.13 -1.36
CA GLN A 155 17.08 -3.29 -1.88
C GLN A 155 17.12 -3.27 -3.40
N ARG A 156 16.00 -3.59 -4.05
CA ARG A 156 15.92 -3.34 -5.50
C ARG A 156 15.78 -1.85 -5.78
N GLN A 157 14.92 -1.17 -5.02
CA GLN A 157 14.56 0.21 -5.36
C GLN A 157 15.68 1.18 -5.07
N ILE A 158 16.51 0.90 -4.07
CA ILE A 158 17.69 1.74 -3.79
C ILE A 158 18.68 1.67 -4.94
N GLN A 159 18.88 0.47 -5.50
CA GLN A 159 19.77 0.34 -6.64
C GLN A 159 19.18 0.99 -7.90
N VAL A 160 17.85 0.96 -8.05
CA VAL A 160 17.21 1.65 -9.16
C VAL A 160 17.43 3.16 -9.05
N HIS A 161 17.16 3.73 -7.87
CA HIS A 161 17.39 5.15 -7.68
C HIS A 161 18.87 5.53 -7.57
N ALA A 162 19.76 4.57 -7.48
CA ALA A 162 21.19 4.86 -7.54
C ALA A 162 21.72 4.81 -8.96
N GLU A 163 21.14 3.98 -9.83
CA GLU A 163 21.53 3.99 -11.24
C GLU A 163 21.12 5.29 -11.90
N GLN A 164 19.82 5.57 -11.95
CA GLN A 164 19.33 6.89 -12.32
C GLN A 164 19.67 7.83 -11.19
N GLY A 165 20.70 8.64 -11.37
CA GLY A 165 21.34 9.32 -10.25
C GLY A 165 20.59 10.48 -9.62
N LEU A 166 19.48 10.19 -8.94
CA LEU A 166 18.80 11.24 -8.17
C LEU A 166 19.43 11.44 -6.80
N ILE A 167 19.34 10.41 -5.95
CA ILE A 167 19.64 10.53 -4.52
C ILE A 167 20.50 9.35 -4.10
N GLN A 168 21.59 9.63 -3.40
CA GLN A 168 22.38 8.60 -2.75
C GLN A 168 22.10 8.59 -1.25
N TYR A 169 22.19 7.41 -0.66
CA TYR A 169 21.93 7.19 0.76
C TYR A 169 23.22 6.80 1.49
N PRO A 170 23.31 7.08 2.78
CA PRO A 170 24.47 6.61 3.56
C PRO A 170 24.48 5.10 3.69
N THR A 171 25.68 4.54 3.70
CA THR A 171 25.84 3.09 3.75
C THR A 171 25.46 2.50 5.10
N ALA A 172 25.46 3.32 6.15
CA ALA A 172 25.04 2.84 7.47
C ALA A 172 23.54 2.59 7.53
N TRP A 173 22.76 3.19 6.64
CA TRP A 173 21.32 2.94 6.61
C TRP A 173 20.95 1.68 5.84
N GLN A 174 21.91 0.89 5.37
CA GLN A 174 21.62 -0.30 4.62
C GLN A 174 21.95 -1.58 5.39
N SER A 175 22.26 -1.46 6.68
CA SER A 175 22.35 -2.65 7.52
C SER A 175 20.96 -3.19 7.81
N VAL A 176 20.91 -4.45 8.24
CA VAL A 176 19.64 -5.17 8.33
C VAL A 176 18.81 -4.67 9.50
N GLY A 177 19.44 -4.48 10.67
CA GLY A 177 18.71 -4.12 11.86
C GLY A 177 18.11 -2.73 11.82
N HIS A 178 18.80 -1.79 11.16
CA HIS A 178 18.25 -0.45 10.95
C HIS A 178 16.99 -0.49 10.11
N MET A 179 17.00 -1.31 9.05
CA MET A 179 15.84 -1.52 8.21
C MET A 179 14.71 -2.20 8.98
N MET A 180 15.06 -3.11 9.90
CA MET A 180 14.05 -3.74 10.77
C MET A 180 13.40 -2.72 11.68
N VAL A 181 14.19 -1.81 12.26
CA VAL A 181 13.66 -0.78 13.15
C VAL A 181 12.72 0.15 12.40
N ILE A 182 13.10 0.56 11.19
CA ILE A 182 12.24 1.44 10.41
C ILE A 182 10.99 0.69 9.93
N PHE A 183 11.10 -0.62 9.68
CA PHE A 183 9.93 -1.41 9.32
C PHE A 183 8.94 -1.50 10.47
N ARG A 184 9.43 -1.73 11.68
CA ARG A 184 8.55 -1.80 12.85
C ARG A 184 7.90 -0.46 13.12
N LEU A 185 8.66 0.63 12.99
CA LEU A 185 8.12 1.97 13.20
C LEU A 185 7.06 2.30 12.17
N MET A 186 7.26 1.87 10.92
CA MET A 186 6.27 2.15 9.89
C MET A 186 5.04 1.27 10.06
N ARG A 187 5.20 0.06 10.58
CA ARG A 187 4.06 -0.83 10.72
C ARG A 187 3.17 -0.41 11.88
N THR A 188 3.77 0.04 13.00
CA THR A 188 2.95 0.31 14.18
C THR A 188 2.17 1.62 14.07
N ASN A 189 2.80 2.69 13.60
CA ASN A 189 2.17 4.01 13.64
C ASN A 189 1.11 4.16 12.55
N PHE A 190 0.41 5.27 12.60
CA PHE A 190 -0.62 5.63 11.63
C PHE A 190 -0.40 7.00 11.01
N LEU A 191 0.09 7.97 11.77
CA LEU A 191 0.06 9.36 11.32
C LEU A 191 1.08 9.60 10.22
N ILE A 192 2.26 8.96 10.31
CA ILE A 192 3.33 9.21 9.37
C ILE A 192 2.97 8.71 7.97
N LYS A 193 2.33 7.55 7.86
CA LYS A 193 1.99 7.03 6.55
C LYS A 193 0.83 7.81 5.93
N PHE A 194 -0.07 8.35 6.75
CA PHE A 194 -1.15 9.17 6.21
C PHE A 194 -0.62 10.50 5.71
N LEU A 195 0.33 11.09 6.43
CA LEU A 195 0.94 12.34 5.95
C LEU A 195 1.73 12.11 4.67
N LEU A 196 2.44 10.99 4.58
CA LEU A 196 3.17 10.69 3.35
C LEU A 196 2.25 10.47 2.17
N ILE A 197 1.13 9.76 2.38
CA ILE A 197 0.18 9.51 1.30
C ILE A 197 -0.49 10.80 0.84
N HIS A 198 -0.92 11.65 1.78
CA HIS A 198 -1.60 12.89 1.42
C HIS A 198 -0.66 13.85 0.70
N GLN A 199 0.57 14.01 1.23
CA GLN A 199 1.55 14.88 0.59
C GLN A 199 2.00 14.32 -0.76
N GLY A 200 2.02 13.00 -0.92
CA GLY A 200 2.40 12.42 -2.19
C GLY A 200 1.35 12.53 -3.26
N MET A 201 0.08 12.45 -2.89
CA MET A 201 -0.96 12.45 -3.92
C MET A 201 -1.63 13.80 -4.10
N HIS A 202 -1.31 14.81 -3.30
CA HIS A 202 -1.91 16.12 -3.51
C HIS A 202 -0.96 17.19 -4.03
N MET A 203 0.29 16.87 -4.32
CA MET A 203 1.09 17.87 -5.02
C MET A 203 0.74 17.89 -6.51
N VAL A 204 1.03 19.02 -7.14
CA VAL A 204 0.76 19.19 -8.56
C VAL A 204 2.07 19.35 -9.31
N ALA A 205 2.85 20.36 -8.94
CA ALA A 205 4.11 20.65 -9.60
C ALA A 205 5.10 21.21 -8.58
N GLY A 206 6.30 21.50 -9.05
CA GLY A 206 7.33 22.00 -8.16
C GLY A 206 7.96 20.95 -7.29
N HIS A 207 8.12 19.74 -7.82
CA HIS A 207 8.67 18.64 -7.03
C HIS A 207 10.17 18.80 -6.83
N ASP A 208 10.63 18.38 -5.67
CA ASP A 208 12.05 18.23 -5.38
C ASP A 208 12.42 16.78 -5.70
N ALA A 209 13.65 16.37 -5.36
CA ALA A 209 14.03 14.97 -5.55
C ALA A 209 13.32 14.07 -4.54
N ASN A 210 13.29 14.49 -3.28
CA ASN A 210 12.63 13.72 -2.24
C ASN A 210 11.13 13.62 -2.48
N ASP A 211 10.53 14.71 -2.98
CA ASP A 211 9.11 14.69 -3.33
C ASP A 211 8.86 13.77 -4.53
N ALA A 212 9.82 13.69 -5.45
CA ALA A 212 9.70 12.77 -6.56
C ALA A 212 9.72 11.33 -6.11
N VAL A 213 10.63 11.00 -5.17
CA VAL A 213 10.72 9.64 -4.66
C VAL A 213 9.46 9.27 -3.88
N ILE A 214 8.94 10.21 -3.08
CA ILE A 214 7.73 9.97 -2.31
C ILE A 214 6.52 9.77 -3.22
N SER A 215 6.39 10.60 -4.27
CA SER A 215 5.26 10.46 -5.19
C SER A 215 5.36 9.17 -6.00
N ASN A 216 6.57 8.75 -6.34
CA ASN A 216 6.74 7.48 -7.05
C ASN A 216 6.35 6.30 -6.16
N SER A 217 6.73 6.34 -4.88
CA SER A 217 6.38 5.24 -3.99
C SER A 217 4.89 5.20 -3.70
N VAL A 218 4.25 6.37 -3.59
CA VAL A 218 2.81 6.40 -3.39
C VAL A 218 2.08 5.90 -4.63
N ALA A 219 2.58 6.22 -5.83
CA ALA A 219 1.95 5.72 -7.04
C ALA A 219 2.15 4.23 -7.22
N GLN A 220 3.29 3.68 -6.77
CA GLN A 220 3.49 2.24 -6.88
C GLN A 220 2.81 1.46 -5.77
N ALA A 221 2.45 2.10 -4.66
CA ALA A 221 1.85 1.40 -3.52
C ALA A 221 0.34 1.47 -3.55
N ARG A 222 -0.26 1.44 -4.73
CA ARG A 222 -1.70 1.56 -4.88
C ARG A 222 -2.32 0.19 -5.08
N PHE A 223 -3.49 -0.03 -4.46
CA PHE A 223 -4.20 -1.31 -4.42
C PHE A 223 -3.34 -2.43 -3.86
N SER A 224 -2.50 -2.12 -2.88
CA SER A 224 -1.65 -3.12 -2.28
C SER A 224 -2.47 -3.95 -1.29
N GLY A 225 -2.63 -5.23 -1.58
CA GLY A 225 -3.41 -6.10 -0.74
C GLY A 225 -4.87 -6.24 -1.14
N LEU A 226 -5.29 -5.62 -2.23
CA LEU A 226 -6.65 -5.75 -2.71
C LEU A 226 -6.67 -6.30 -4.13
N LEU A 227 -5.88 -7.36 -4.37
CA LEU A 227 -5.81 -7.95 -5.70
C LEU A 227 -7.13 -8.57 -6.11
N ILE A 228 -7.93 -9.02 -5.13
CA ILE A 228 -9.24 -9.62 -5.42
C ILE A 228 -10.18 -8.61 -6.07
N VAL A 229 -10.05 -7.32 -5.70
CA VAL A 229 -10.92 -6.29 -6.25
C VAL A 229 -10.63 -6.07 -7.73
N LYS A 230 -9.35 -5.99 -8.09
CA LYS A 230 -8.95 -5.83 -9.49
C LYS A 230 -9.31 -7.05 -10.31
N THR A 231 -9.02 -8.24 -9.79
CA THR A 231 -9.24 -9.46 -10.57
C THR A 231 -10.72 -9.78 -10.73
N VAL A 232 -11.57 -9.36 -9.79
CA VAL A 232 -13.00 -9.54 -9.99
C VAL A 232 -13.55 -8.47 -10.93
N LEU A 233 -13.22 -7.20 -10.67
CA LEU A 233 -13.86 -6.11 -11.40
C LEU A 233 -13.36 -5.98 -12.83
N ASP A 234 -12.21 -6.57 -13.16
CA ASP A 234 -11.73 -6.47 -14.54
C ASP A 234 -12.37 -7.50 -15.45
N HIS A 235 -12.63 -8.71 -14.96
CA HIS A 235 -13.04 -9.81 -15.83
C HIS A 235 -14.40 -10.38 -15.49
N ILE A 236 -14.66 -10.67 -14.22
CA ILE A 236 -15.86 -11.43 -13.85
C ILE A 236 -17.12 -10.56 -13.94
N LEU A 237 -16.98 -9.26 -13.74
CA LEU A 237 -18.13 -8.37 -13.62
C LEU A 237 -18.07 -7.38 -14.79
N GLN A 238 -17.97 -7.93 -15.99
CA GLN A 238 -17.47 -7.20 -17.15
C GLN A 238 -18.43 -6.10 -17.59
N LYS A 239 -17.89 -4.91 -17.79
CA LYS A 239 -18.68 -3.74 -18.14
C LYS A 239 -18.84 -3.64 -19.65
N THR A 240 -20.09 -3.49 -20.08
CA THR A 240 -20.45 -3.29 -21.48
C THR A 240 -20.98 -1.86 -21.61
N GLU A 241 -21.04 -1.36 -22.85
CA GLU A 241 -21.68 -0.08 -23.11
C GLU A 241 -23.17 -0.12 -22.78
N ARG A 242 -23.79 -1.30 -22.88
CA ARG A 242 -25.17 -1.44 -22.42
C ARG A 242 -25.25 -1.45 -20.89
N GLY A 243 -24.46 -2.33 -20.26
CA GLY A 243 -24.47 -2.43 -18.81
C GLY A 243 -23.38 -3.31 -18.24
N VAL A 244 -23.73 -4.12 -17.26
CA VAL A 244 -22.80 -5.01 -16.59
C VAL A 244 -23.25 -6.44 -16.82
N ARG A 245 -22.36 -7.27 -17.35
CA ARG A 245 -22.67 -8.66 -17.63
C ARG A 245 -21.68 -9.58 -16.92
N LEU A 246 -22.16 -10.74 -16.52
CA LEU A 246 -21.33 -11.71 -15.84
C LEU A 246 -20.59 -12.59 -16.84
N HIS A 247 -19.44 -13.10 -16.41
CA HIS A 247 -18.68 -14.02 -17.23
C HIS A 247 -19.41 -15.37 -17.29
N PRO A 248 -19.32 -16.08 -18.43
CA PRO A 248 -20.04 -17.36 -18.54
C PRO A 248 -19.53 -18.47 -17.64
N LEU A 249 -18.37 -18.32 -17.01
CA LEU A 249 -17.93 -19.25 -15.98
C LEU A 249 -18.50 -18.93 -14.60
N ALA A 250 -19.41 -17.97 -14.51
CA ALA A 250 -19.94 -17.51 -13.23
C ALA A 250 -21.45 -17.34 -13.32
N ARG A 251 -22.12 -18.37 -13.85
CA ARG A 251 -23.57 -18.32 -14.03
C ARG A 251 -24.28 -19.40 -13.21
N THR A 252 -23.67 -19.83 -12.11
CA THR A 252 -24.31 -20.78 -11.21
C THR A 252 -25.04 -20.00 -10.11
N ALA A 253 -25.47 -20.69 -9.07
CA ALA A 253 -26.21 -20.05 -7.98
C ALA A 253 -25.30 -19.57 -6.86
N LYS A 254 -24.36 -20.42 -6.44
CA LYS A 254 -23.47 -20.10 -5.34
C LYS A 254 -22.55 -18.92 -5.69
N VAL A 255 -22.04 -18.92 -6.93
CA VAL A 255 -21.19 -17.83 -7.38
C VAL A 255 -22.00 -16.53 -7.50
N LYS A 256 -23.28 -16.64 -7.84
CA LYS A 256 -24.15 -15.46 -7.90
C LYS A 256 -24.39 -14.88 -6.52
N ASN A 257 -24.54 -15.76 -5.52
CA ASN A 257 -24.63 -15.30 -4.13
C ASN A 257 -23.34 -14.60 -3.69
N GLU A 258 -22.19 -15.15 -4.09
CA GLU A 258 -20.91 -14.52 -3.78
C GLU A 258 -20.79 -13.16 -4.46
N VAL A 259 -21.32 -13.02 -5.68
CA VAL A 259 -21.30 -11.74 -6.40
C VAL A 259 -22.17 -10.71 -5.67
N ASN A 260 -23.32 -11.12 -5.16
CA ASN A 260 -24.17 -10.18 -4.42
C ASN A 260 -23.52 -9.71 -3.13
N SER A 261 -22.91 -10.63 -2.38
CA SER A 261 -22.18 -10.25 -1.17
C SER A 261 -20.98 -9.35 -1.49
N PHE A 262 -20.33 -9.61 -2.63
CA PHE A 262 -19.20 -8.78 -3.04
C PHE A 262 -19.65 -7.38 -3.41
N LYS A 263 -20.83 -7.25 -4.03
CA LYS A 263 -21.36 -5.93 -4.36
C LYS A 263 -21.67 -5.14 -3.09
N ALA A 264 -22.22 -5.82 -2.07
CA ALA A 264 -22.49 -5.15 -0.80
C ALA A 264 -21.20 -4.66 -0.14
N ALA A 265 -20.17 -5.51 -0.11
CA ALA A 265 -18.90 -5.10 0.50
C ALA A 265 -18.21 -4.02 -0.32
N LEU A 266 -18.39 -4.03 -1.64
CA LEU A 266 -17.78 -3.01 -2.48
C LEU A 266 -18.44 -1.65 -2.25
N SER A 267 -19.75 -1.64 -2.02
CA SER A 267 -20.40 -0.38 -1.64
C SER A 267 -19.94 0.10 -0.27
N SER A 268 -19.72 -0.84 0.65
CA SER A 268 -19.22 -0.47 1.98
C SER A 268 -17.83 0.16 1.91
N LEU A 269 -16.98 -0.32 1.00
CA LEU A 269 -15.70 0.36 0.82
C LEU A 269 -15.85 1.69 0.08
N ALA A 270 -16.73 1.75 -0.93
CA ALA A 270 -16.90 2.97 -1.70
C ALA A 270 -17.58 4.10 -0.93
N LYS A 271 -18.07 3.82 0.28
CA LYS A 271 -18.45 4.88 1.22
C LYS A 271 -17.33 5.91 1.43
N HIS A 272 -16.07 5.45 1.55
CA HIS A 272 -14.94 6.30 1.96
C HIS A 272 -14.63 7.46 1.03
N GLY A 273 -14.21 7.19 -0.20
CA GLY A 273 -13.90 8.25 -1.12
C GLY A 273 -12.54 8.15 -1.79
N GLU A 274 -11.72 9.21 -1.64
CA GLU A 274 -10.47 9.29 -2.35
C GLU A 274 -9.41 8.36 -1.79
N TYR A 275 -9.48 8.03 -0.51
CA TYR A 275 -8.50 7.18 0.13
C TYR A 275 -8.86 5.70 0.04
N ALA A 276 -9.80 5.35 -0.82
CA ALA A 276 -10.26 3.96 -0.92
C ALA A 276 -9.23 2.96 -1.43
N PRO A 277 -8.42 3.21 -2.48
CA PRO A 277 -7.48 2.16 -2.90
C PRO A 277 -6.32 1.92 -1.96
N PHE A 278 -6.14 2.74 -0.94
CA PHE A 278 -5.05 2.60 0.01
C PHE A 278 -5.47 1.91 1.29
N ALA A 279 -6.63 1.25 1.27
CA ALA A 279 -7.37 0.93 2.50
C ALA A 279 -6.61 -0.02 3.40
N ARG A 280 -6.04 -1.08 2.81
CA ARG A 280 -5.30 -2.08 3.59
C ARG A 280 -4.06 -1.49 4.24
N LEU A 281 -3.49 -0.42 3.65
CA LEU A 281 -2.41 0.26 4.35
C LEU A 281 -2.94 1.08 5.51
N LEU A 282 -4.06 1.76 5.31
CA LEU A 282 -4.60 2.63 6.35
C LEU A 282 -5.53 1.90 7.30
N ASN A 283 -5.94 0.68 6.95
CA ASN A 283 -6.73 -0.22 7.79
C ASN A 283 -8.07 0.41 8.17
N LEU A 284 -8.87 0.70 7.15
CA LEU A 284 -10.12 1.41 7.32
C LEU A 284 -11.25 0.50 7.81
N SER A 285 -12.49 0.98 7.70
CA SER A 285 -13.62 0.30 8.31
C SER A 285 -13.98 -0.99 7.58
N GLY A 286 -14.34 -0.89 6.31
CA GLY A 286 -14.82 -2.05 5.57
C GLY A 286 -13.74 -2.91 4.95
N VAL A 287 -12.58 -2.98 5.59
CA VAL A 287 -11.47 -3.76 5.08
C VAL A 287 -11.66 -5.23 5.39
N ASN A 288 -12.08 -5.55 6.61
CA ASN A 288 -12.23 -6.93 7.04
C ASN A 288 -13.42 -7.63 6.40
N ASN A 289 -14.30 -6.89 5.71
CA ASN A 289 -15.41 -7.50 5.01
C ASN A 289 -14.98 -8.19 3.72
N LEU A 290 -13.78 -7.89 3.22
CA LEU A 290 -13.25 -8.52 2.01
C LEU A 290 -12.02 -9.33 2.36
N GLU A 291 -12.17 -10.63 2.52
CA GLU A 291 -11.06 -11.52 2.79
C GLU A 291 -11.17 -12.76 1.92
N HIS A 292 -10.03 -13.39 1.69
CA HIS A 292 -10.04 -14.71 1.09
C HIS A 292 -10.55 -15.72 2.10
N GLY A 293 -11.28 -16.71 1.61
CA GLY A 293 -11.98 -17.64 2.46
C GLY A 293 -13.41 -17.26 2.73
N LEU A 294 -13.70 -15.97 2.80
CA LEU A 294 -15.08 -15.51 2.84
C LEU A 294 -15.71 -15.53 1.44
N PHE A 295 -14.88 -15.57 0.41
CA PHE A 295 -15.32 -15.74 -0.98
C PHE A 295 -14.57 -16.93 -1.56
N PRO A 296 -15.01 -18.16 -1.28
CA PRO A 296 -14.20 -19.33 -1.63
C PRO A 296 -14.24 -19.66 -3.11
N GLN A 297 -15.42 -19.51 -3.72
CA GLN A 297 -15.58 -19.91 -5.11
C GLN A 297 -15.15 -18.80 -6.07
N LEU A 298 -15.45 -17.55 -5.72
CA LEU A 298 -15.22 -16.44 -6.64
C LEU A 298 -13.75 -16.09 -6.78
N SER A 299 -12.96 -16.31 -5.72
CA SER A 299 -11.57 -15.87 -5.70
C SER A 299 -10.71 -16.68 -6.67
N ALA A 300 -10.82 -18.01 -6.61
CA ALA A 300 -9.98 -18.86 -7.45
C ALA A 300 -10.36 -18.77 -8.92
N ILE A 301 -11.67 -18.69 -9.21
CA ILE A 301 -12.13 -18.55 -10.58
C ILE A 301 -11.71 -17.20 -11.15
N ALA A 302 -11.83 -16.13 -10.35
CA ALA A 302 -11.41 -14.81 -10.79
C ALA A 302 -9.91 -14.74 -11.04
N LEU A 303 -9.12 -15.39 -10.17
CA LEU A 303 -7.68 -15.38 -10.36
C LEU A 303 -7.27 -16.21 -11.56
N GLY A 304 -7.96 -17.31 -11.84
CA GLY A 304 -7.65 -18.09 -13.02
C GLY A 304 -7.98 -17.38 -14.32
N VAL A 305 -9.15 -16.72 -14.37
CA VAL A 305 -9.51 -15.93 -15.55
C VAL A 305 -8.56 -14.76 -15.73
N ALA A 306 -8.09 -14.16 -14.63
CA ALA A 306 -7.13 -13.06 -14.74
C ALA A 306 -5.76 -13.54 -15.21
N THR A 307 -5.29 -14.68 -14.69
CA THR A 307 -3.97 -15.15 -15.08
C THR A 307 -3.97 -15.85 -16.44
N ALA A 308 -5.15 -16.10 -17.02
CA ALA A 308 -5.16 -16.59 -18.39
C ALA A 308 -4.71 -15.51 -19.37
N HIS A 309 -5.08 -14.25 -19.12
CA HIS A 309 -4.68 -13.17 -20.01
C HIS A 309 -3.25 -12.70 -19.73
N GLY A 310 -3.00 -12.20 -18.52
CA GLY A 310 -1.68 -11.70 -18.19
C GLY A 310 -0.72 -12.84 -17.93
N SER A 311 0.56 -12.57 -18.16
CA SER A 311 1.60 -13.57 -18.02
C SER A 311 2.44 -13.39 -16.76
N THR A 312 2.21 -12.32 -16.01
CA THR A 312 2.97 -12.08 -14.78
C THR A 312 2.22 -12.51 -13.54
N LEU A 313 0.92 -12.78 -13.64
CA LEU A 313 0.12 -13.18 -12.49
C LEU A 313 0.31 -14.65 -12.12
N ALA A 314 1.15 -15.40 -12.83
CA ALA A 314 1.40 -16.78 -12.47
C ALA A 314 2.29 -16.94 -11.25
N GLY A 315 2.94 -15.87 -10.81
CA GLY A 315 3.83 -15.95 -9.67
C GLY A 315 3.18 -15.79 -8.32
N VAL A 316 1.88 -15.55 -8.26
CA VAL A 316 1.21 -15.34 -6.98
C VAL A 316 0.95 -16.68 -6.32
N ASN A 317 1.07 -16.72 -5.00
CA ASN A 317 0.79 -17.92 -4.23
C ASN A 317 -0.61 -17.83 -3.62
N VAL A 318 -1.27 -18.97 -3.49
CA VAL A 318 -2.64 -19.00 -2.99
C VAL A 318 -2.73 -19.85 -1.74
N GLY A 319 -2.43 -21.14 -1.87
CA GLY A 319 -2.65 -22.09 -0.81
C GLY A 319 -3.20 -23.39 -1.33
N GLU A 320 -3.36 -24.37 -0.45
CA GLU A 320 -3.74 -25.73 -0.86
C GLU A 320 -5.24 -25.94 -0.86
N GLN A 321 -6.03 -24.89 -1.07
CA GLN A 321 -7.47 -25.01 -1.07
C GLN A 321 -8.12 -24.52 -2.36
N TYR A 322 -7.36 -23.94 -3.28
CA TYR A 322 -7.93 -23.29 -4.45
C TYR A 322 -7.21 -23.64 -5.74
N GLN A 323 -6.14 -24.44 -5.67
CA GLN A 323 -5.18 -24.53 -6.77
C GLN A 323 -5.75 -25.29 -7.96
N GLN A 324 -6.45 -26.39 -7.70
CA GLN A 324 -6.98 -27.20 -8.78
C GLN A 324 -8.12 -26.49 -9.51
N LEU A 325 -8.95 -25.75 -8.74
CA LEU A 325 -9.99 -24.94 -9.34
C LEU A 325 -9.40 -23.81 -10.17
N ARG A 326 -8.29 -23.23 -9.71
CA ARG A 326 -7.57 -22.23 -10.48
C ARG A 326 -7.08 -22.79 -11.81
N GLU A 327 -6.54 -24.01 -11.78
CA GLU A 327 -6.03 -24.65 -13.00
C GLU A 327 -7.16 -24.92 -13.99
N ALA A 328 -8.29 -25.45 -13.51
CA ALA A 328 -9.42 -25.71 -14.39
C ALA A 328 -9.97 -24.43 -15.00
N ALA A 329 -10.04 -23.36 -14.20
CA ALA A 329 -10.55 -22.08 -14.69
C ALA A 329 -9.63 -21.49 -15.76
N THR A 330 -8.31 -21.54 -15.55
CA THR A 330 -7.42 -20.92 -16.54
C THR A 330 -7.35 -21.74 -17.83
N GLU A 331 -7.51 -23.07 -17.76
CA GLU A 331 -7.51 -23.84 -19.01
C GLU A 331 -8.79 -23.61 -19.80
N ALA A 332 -9.93 -23.55 -19.11
CA ALA A 332 -11.19 -23.25 -19.80
C ALA A 332 -11.17 -21.86 -20.41
N GLU A 333 -10.56 -20.90 -19.72
CA GLU A 333 -10.51 -19.55 -20.27
C GLU A 333 -9.57 -19.45 -21.47
N LYS A 334 -8.46 -20.20 -21.47
CA LYS A 334 -7.57 -20.25 -22.64
C LYS A 334 -8.31 -20.76 -23.86
N GLN A 335 -9.05 -21.86 -23.73
CA GLN A 335 -9.69 -22.42 -24.92
C GLN A 335 -10.88 -21.58 -25.38
N LEU A 336 -11.64 -20.99 -24.44
CA LEU A 336 -12.72 -20.09 -24.82
C LEU A 336 -12.19 -18.83 -25.50
N GLN A 337 -11.05 -18.32 -25.04
CA GLN A 337 -10.48 -17.13 -25.65
C GLN A 337 -9.95 -17.42 -27.04
N GLN A 338 -9.38 -18.61 -27.25
CA GLN A 338 -8.93 -19.00 -28.58
C GLN A 338 -10.09 -19.11 -29.57
N TYR A 339 -11.19 -19.74 -29.14
CA TYR A 339 -12.37 -19.85 -30.00
C TYR A 339 -12.98 -18.49 -30.29
N ALA A 340 -13.00 -17.61 -29.28
CA ALA A 340 -13.57 -16.28 -29.46
C ALA A 340 -12.74 -15.43 -30.42
N GLU A 341 -11.40 -15.54 -30.34
CA GLU A 341 -10.56 -14.80 -31.26
C GLU A 341 -10.70 -15.31 -32.69
N SER A 342 -10.84 -16.63 -32.86
CA SER A 342 -11.03 -17.16 -34.22
C SER A 342 -12.36 -16.73 -34.82
N ARG A 343 -13.43 -16.77 -34.02
CA ARG A 343 -14.74 -16.34 -34.54
C ARG A 343 -14.77 -14.84 -34.80
N GLU A 344 -14.10 -14.04 -33.96
CA GLU A 344 -14.05 -12.60 -34.17
C GLU A 344 -13.22 -12.24 -35.40
N LEU A 345 -12.16 -13.00 -35.68
CA LEU A 345 -11.42 -12.80 -36.92
C LEU A 345 -12.28 -13.18 -38.12
N ASP A 346 -13.10 -14.21 -37.99
CA ASP A 346 -14.00 -14.58 -39.08
C ASP A 346 -15.21 -13.66 -39.21
N HIS A 347 -15.43 -12.77 -38.25
CA HIS A 347 -16.58 -11.86 -38.31
C HIS A 347 -16.46 -10.85 -39.46
N LEU A 348 -15.39 -10.07 -39.46
CA LEU A 348 -15.30 -8.91 -40.35
C LEU A 348 -15.11 -9.34 -41.81
N GLY A 349 -15.48 -8.44 -42.71
CA GLY A 349 -15.37 -8.70 -44.13
C GLY A 349 -14.08 -8.15 -44.71
N LEU A 350 -13.10 -9.03 -44.91
CA LEU A 350 -11.80 -8.62 -45.43
C LEU A 350 -11.36 -9.59 -46.52
N ASP A 351 -10.10 -9.48 -46.92
CA ASP A 351 -9.55 -10.38 -47.92
C ASP A 351 -8.94 -11.61 -47.25
N ASP A 352 -8.67 -12.63 -48.06
CA ASP A 352 -8.13 -13.88 -47.54
C ASP A 352 -6.71 -13.74 -47.03
N GLN A 353 -5.91 -12.89 -47.68
CA GLN A 353 -4.51 -12.71 -47.28
C GLN A 353 -4.41 -11.99 -45.94
N GLU A 354 -5.31 -11.03 -45.70
CA GLU A 354 -5.35 -10.33 -44.42
C GLU A 354 -5.77 -11.27 -43.30
N LYS A 355 -6.74 -12.14 -43.58
CA LYS A 355 -7.15 -13.13 -42.57
C LYS A 355 -6.03 -14.12 -42.30
N LYS A 356 -5.26 -14.48 -43.33
CA LYS A 356 -4.15 -15.40 -43.17
C LYS A 356 -3.05 -14.80 -42.29
N ILE A 357 -2.69 -13.54 -42.55
CA ILE A 357 -1.62 -12.94 -41.77
C ILE A 357 -2.09 -12.62 -40.35
N LEU A 358 -3.37 -12.31 -40.15
CA LEU A 358 -3.84 -12.07 -38.79
C LEU A 358 -3.91 -13.38 -37.98
N MET A 359 -4.26 -14.49 -38.63
CA MET A 359 -4.23 -15.78 -37.95
C MET A 359 -2.81 -16.18 -37.59
N ASN A 360 -1.85 -15.91 -38.48
CA ASN A 360 -0.45 -16.21 -38.19
C ASN A 360 0.07 -15.38 -37.02
N PHE A 361 -0.32 -14.10 -36.98
CA PHE A 361 0.09 -13.20 -35.90
C PHE A 361 -0.50 -13.64 -34.56
N HIS A 362 -1.78 -14.01 -34.55
CA HIS A 362 -2.41 -14.47 -33.31
C HIS A 362 -1.79 -15.78 -32.82
N GLN A 363 -1.45 -16.68 -33.74
CA GLN A 363 -0.80 -17.93 -33.36
C GLN A 363 0.56 -17.68 -32.73
N LYS A 364 1.35 -16.78 -33.32
CA LYS A 364 2.68 -16.52 -32.76
C LYS A 364 2.60 -15.81 -31.41
N LYS A 365 1.62 -14.90 -31.25
CA LYS A 365 1.45 -14.22 -29.96
C LYS A 365 1.03 -15.18 -28.87
N ASN A 366 0.13 -16.12 -29.20
CA ASN A 366 -0.30 -17.12 -28.22
C ASN A 366 0.84 -18.04 -27.82
N GLU A 367 1.72 -18.36 -28.78
CA GLU A 367 2.89 -19.19 -28.47
C GLU A 367 3.85 -18.47 -27.52
N ILE A 368 4.08 -17.18 -27.76
CA ILE A 368 4.98 -16.41 -26.90
C ILE A 368 4.42 -16.30 -25.47
N SER A 369 3.12 -16.04 -25.35
CA SER A 369 2.51 -15.92 -24.03
C SER A 369 2.52 -17.25 -23.29
N PHE A 370 2.30 -18.36 -24.01
CA PHE A 370 2.35 -19.68 -23.40
C PHE A 370 3.74 -20.01 -22.87
N GLN A 371 4.79 -19.66 -23.64
CA GLN A 371 6.15 -19.92 -23.18
C GLN A 371 6.51 -19.07 -21.96
N GLN A 372 6.04 -17.82 -21.92
CA GLN A 372 6.34 -16.97 -20.77
C GLN A 372 5.65 -17.45 -19.50
N THR A 373 4.39 -17.87 -19.60
CA THR A 373 3.71 -18.41 -18.41
C THR A 373 4.33 -19.73 -17.97
N ASN A 374 4.77 -20.56 -18.92
CA ASN A 374 5.42 -21.82 -18.56
C ASN A 374 6.75 -21.58 -17.85
N ALA A 375 7.44 -20.49 -18.18
CA ALA A 375 8.64 -20.15 -17.42
C ALA A 375 8.29 -19.63 -16.03
N MET A 376 7.23 -18.83 -15.93
CA MET A 376 6.91 -18.17 -14.66
C MET A 376 6.43 -19.17 -13.61
N VAL A 377 5.69 -20.21 -14.04
CA VAL A 377 5.22 -21.22 -13.10
C VAL A 377 6.38 -22.00 -12.49
N THR A 378 7.38 -22.36 -13.30
CA THR A 378 8.55 -23.04 -12.78
C THR A 378 9.39 -22.13 -11.89
N LEU A 379 9.39 -20.82 -12.16
CA LEU A 379 10.07 -19.89 -11.26
C LEU A 379 9.37 -19.82 -9.91
N ARG A 380 8.03 -19.87 -9.90
CA ARG A 380 7.30 -19.87 -8.64
C ARG A 380 7.54 -21.14 -7.84
N LYS A 381 7.59 -22.28 -8.53
CA LYS A 381 7.89 -23.55 -7.87
C LYS A 381 9.30 -23.56 -7.31
N GLU A 382 10.24 -22.92 -8.02
CA GLU A 382 11.60 -22.80 -7.51
C GLU A 382 11.66 -21.90 -6.28
N ARG A 383 10.85 -20.84 -6.26
CA ARG A 383 10.77 -19.98 -5.07
C ARG A 383 10.24 -20.73 -3.86
N LEU A 384 9.15 -21.50 -4.05
CA LEU A 384 8.60 -22.25 -2.93
C LEU A 384 9.52 -23.41 -2.51
N ALA A 385 10.34 -23.92 -3.43
CA ALA A 385 11.34 -24.90 -3.04
C ALA A 385 12.45 -24.27 -2.22
N LYS A 386 12.92 -23.09 -2.62
CA LYS A 386 13.97 -22.41 -1.88
C LYS A 386 13.48 -21.74 -0.61
N LEU A 387 12.16 -21.69 -0.38
CA LEU A 387 11.65 -21.13 0.86
C LEU A 387 12.01 -22.01 2.06
N THR A 388 11.85 -23.32 1.92
CA THR A 388 12.14 -24.24 3.01
C THR A 388 13.46 -24.98 2.77
#